data_1PU6
#
_entry.id   1PU6
#
_cell.length_a   146.605
_cell.length_b   44.399
_cell.length_c   81.516
_cell.angle_alpha   90.00
_cell.angle_beta   106.40
_cell.angle_gamma   90.00
#
_symmetry.space_group_name_H-M   'C 1 2 1'
#
loop_
_entity.id
_entity.type
_entity.pdbx_description
1 polymer '3-METHYLADENINE DNA GLYCOSYLASE'
2 non-polymer 'CHLORIDE ION'
3 non-polymer BETA-MERCAPTOETHANOL
4 non-polymer (4S)-2-METHYL-2,4-PENTANEDIOL
5 water water
#
_entity_poly.entity_id   1
_entity_poly.type   'polypeptide(L)'
_entity_poly.pdbx_seq_one_letter_code
;VLDSFEILKALKSLDLLKNAPAWWWPNALKFEALLGAVLTQNTKFEAVLKSLENLKNAFILENDDEINLKKIAYIEFSKL
AECVRPSGFYNQKAKRLIDLSGNILKDFQSFENFKQEVTREWLLDQKGIGKESADAILCYACAKEVMVVDKYSYLFLKKL
GIEIEDYDELQHFFEKGVQENLNSALALYENTISLAQLYARFHG(KCX)IVEFSKQKLELKL
;
_entity_poly.pdbx_strand_id   A,B
#
loop_
_chem_comp.id
_chem_comp.type
_chem_comp.name
_chem_comp.formula
BME non-polymer BETA-MERCAPTOETHANOL 'C2 H6 O S'
CL non-polymer 'CHLORIDE ION' 'Cl -1'
MPD non-polymer (4S)-2-METHYL-2,4-PENTANEDIOL 'C6 H14 O2'
#
# COMPACT_ATOMS: atom_id res chain seq x y z
N LEU A 2 41.80 -15.68 -11.90
CA LEU A 2 40.32 -16.03 -11.73
C LEU A 2 39.60 -15.47 -10.46
N ASP A 3 38.74 -14.49 -10.66
CA ASP A 3 37.85 -14.03 -9.60
C ASP A 3 36.44 -14.01 -10.18
N SER A 4 35.47 -13.66 -9.36
CA SER A 4 34.08 -13.78 -9.80
C SER A 4 33.73 -12.70 -10.80
N PHE A 5 34.49 -11.60 -10.82
CA PHE A 5 34.21 -10.58 -11.83
C PHE A 5 34.59 -11.08 -13.21
N GLU A 6 35.69 -11.83 -13.31
CA GLU A 6 36.02 -12.51 -14.58
C GLU A 6 34.96 -13.51 -15.06
N ILE A 7 34.39 -14.26 -14.11
CA ILE A 7 33.35 -15.24 -14.41
C ILE A 7 32.09 -14.49 -14.87
N LEU A 8 31.71 -13.41 -14.16
CA LEU A 8 30.55 -12.61 -14.54
C LEU A 8 30.69 -12.10 -15.99
N LYS A 9 31.85 -11.52 -16.33
CA LYS A 9 32.04 -11.07 -17.72
C LYS A 9 31.89 -12.23 -18.74
N ALA A 10 32.50 -13.38 -18.43
CA ALA A 10 32.42 -14.53 -19.34
C ALA A 10 31.00 -15.02 -19.55
N LEU A 11 30.24 -15.11 -18.48
CA LEU A 11 28.87 -15.59 -18.59
C LEU A 11 27.99 -14.55 -19.30
N LYS A 12 28.23 -13.27 -18.99
CA LYS A 12 27.50 -12.18 -19.62
C LYS A 12 27.64 -12.27 -21.16
N SER A 13 28.84 -12.60 -21.60
CA SER A 13 29.12 -12.66 -23.05
C SER A 13 28.34 -13.76 -23.79
N LEU A 14 27.78 -14.72 -23.05
CA LEU A 14 27.02 -15.81 -23.69
C LEU A 14 25.52 -15.53 -23.92
N ASP A 15 25.01 -14.42 -23.37
CA ASP A 15 23.57 -14.05 -23.50
C ASP A 15 22.60 -15.18 -23.02
N LEU A 16 22.93 -15.78 -21.88
CA LEU A 16 22.18 -16.95 -21.35
C LEU A 16 20.77 -16.60 -20.94
N LEU A 17 20.54 -15.32 -20.64
CA LEU A 17 19.26 -14.88 -20.11
C LEU A 17 18.40 -14.16 -21.16
N LYS A 18 18.68 -14.38 -22.44
CA LYS A 18 17.97 -13.76 -23.58
C LYS A 18 16.43 -13.84 -23.42
N ASN A 19 15.92 -15.01 -23.02
CA ASN A 19 14.47 -15.17 -22.84
C ASN A 19 13.95 -15.09 -21.40
N ALA A 20 14.77 -14.62 -20.47
CA ALA A 20 14.40 -14.60 -19.05
C ALA A 20 13.84 -13.24 -18.61
N PRO A 21 13.03 -13.22 -17.54
CA PRO A 21 12.57 -11.94 -16.99
C PRO A 21 13.73 -11.15 -16.28
N ALA A 22 13.49 -9.88 -15.97
CA ALA A 22 14.54 -8.92 -15.56
C ALA A 22 15.36 -9.36 -14.33
N TRP A 23 14.71 -10.02 -13.39
CA TRP A 23 15.41 -10.51 -12.19
C TRP A 23 15.63 -12.05 -12.24
N TRP A 24 15.47 -12.64 -13.44
CA TRP A 24 15.62 -14.08 -13.77
C TRP A 24 14.52 -14.95 -13.17
N TRP A 25 14.34 -14.86 -11.83
CA TRP A 25 13.32 -15.72 -11.17
C TRP A 25 11.92 -15.20 -11.66
N PRO A 26 11.03 -16.08 -12.13
CA PRO A 26 9.68 -15.62 -12.54
C PRO A 26 8.88 -15.06 -11.35
N ASN A 27 8.24 -13.91 -11.57
CA ASN A 27 7.51 -13.21 -10.52
C ASN A 27 8.37 -12.85 -9.28
N ALA A 28 9.60 -12.41 -9.55
CA ALA A 28 10.49 -11.85 -8.53
C ALA A 28 9.84 -10.66 -7.81
N LEU A 29 10.22 -10.52 -6.54
CA LEU A 29 9.82 -9.39 -5.67
C LEU A 29 8.38 -9.49 -5.21
N LYS A 30 7.78 -10.68 -5.39
CA LYS A 30 6.40 -10.97 -4.97
C LYS A 30 6.41 -12.14 -4.00
N PHE A 31 5.29 -12.35 -3.31
CA PHE A 31 5.23 -13.45 -2.34
C PHE A 31 5.45 -14.81 -3.04
N GLU A 32 4.97 -14.98 -4.27
CA GLU A 32 5.20 -16.20 -5.06
C GLU A 32 6.69 -16.58 -5.14
N ALA A 33 7.57 -15.56 -5.23
CA ALA A 33 9.01 -15.82 -5.23
C ALA A 33 9.46 -16.43 -3.89
N LEU A 34 8.98 -15.88 -2.75
CA LEU A 34 9.28 -16.51 -1.43
C LEU A 34 8.76 -17.98 -1.44
N LEU A 35 7.53 -18.23 -1.93
CA LEU A 35 7.03 -19.61 -1.90
C LEU A 35 7.92 -20.55 -2.74
N GLY A 36 8.30 -20.13 -3.94
CA GLY A 36 9.13 -20.99 -4.75
C GLY A 36 10.52 -21.20 -4.17
N ALA A 37 11.07 -20.19 -3.49
CA ALA A 37 12.40 -20.33 -2.91
C ALA A 37 12.37 -21.42 -1.85
N VAL A 38 11.26 -21.51 -1.10
CA VAL A 38 11.14 -22.55 -0.10
C VAL A 38 10.91 -23.92 -0.76
N LEU A 39 9.96 -23.99 -1.71
CA LEU A 39 9.58 -25.26 -2.33
C LEU A 39 10.63 -25.89 -3.20
N THR A 40 11.59 -25.07 -3.68
CA THR A 40 12.62 -25.65 -4.52
C THR A 40 13.73 -26.43 -3.78
N GLN A 41 13.76 -26.34 -2.46
CA GLN A 41 14.79 -27.04 -1.69
C GLN A 41 14.78 -28.54 -1.94
N ASN A 42 15.96 -29.12 -2.27
CA ASN A 42 16.07 -30.57 -2.54
C ASN A 42 15.24 -31.07 -3.73
N THR A 43 14.82 -30.14 -4.59
CA THR A 43 14.11 -30.56 -5.83
C THR A 43 14.42 -29.68 -7.02
N LYS A 44 13.72 -29.89 -8.15
CA LYS A 44 13.96 -29.12 -9.34
C LYS A 44 12.90 -28.04 -9.50
N PHE A 45 13.31 -26.88 -10.01
CA PHE A 45 12.35 -25.78 -10.17
C PHE A 45 11.17 -26.14 -11.09
N GLU A 46 11.35 -27.04 -12.04
CA GLU A 46 10.24 -27.42 -12.89
C GLU A 46 9.07 -28.09 -12.11
N ALA A 47 9.42 -28.79 -11.02
CA ALA A 47 8.40 -29.39 -10.16
C ALA A 47 7.70 -28.31 -9.36
N VAL A 48 8.49 -27.30 -8.95
CA VAL A 48 7.92 -26.18 -8.19
C VAL A 48 6.82 -25.49 -9.01
N LEU A 49 7.07 -25.28 -10.32
CA LEU A 49 6.06 -24.63 -11.13
C LEU A 49 4.72 -25.35 -11.11
N LYS A 50 4.77 -26.70 -11.03
CA LYS A 50 3.52 -27.50 -10.91
C LYS A 50 2.78 -27.29 -9.58
N SER A 51 3.53 -27.22 -8.48
CA SER A 51 2.94 -26.89 -7.18
C SER A 51 2.32 -25.49 -7.21
N LEU A 52 3.07 -24.52 -7.78
CA LEU A 52 2.53 -23.14 -7.83
C LEU A 52 1.23 -23.10 -8.67
N GLU A 53 1.18 -23.90 -9.73
CA GLU A 53 -0.02 -23.99 -10.55
C GLU A 53 -1.18 -24.56 -9.72
N ASN A 54 -0.93 -25.61 -8.92
CA ASN A 54 -2.00 -26.12 -8.07
C ASN A 54 -2.52 -25.05 -7.10
N LEU A 55 -1.60 -24.25 -6.52
CA LEU A 55 -1.95 -23.19 -5.57
C LEU A 55 -2.81 -22.11 -6.25
N LYS A 56 -2.48 -21.78 -7.49
CA LYS A 56 -3.28 -20.78 -8.23
C LYS A 56 -4.62 -21.32 -8.67
N ASN A 57 -4.63 -22.57 -9.09
CA ASN A 57 -5.87 -23.22 -9.54
C ASN A 57 -6.88 -23.46 -8.42
N ALA A 58 -6.39 -23.53 -7.17
CA ALA A 58 -7.24 -23.65 -5.99
C ALA A 58 -7.56 -22.29 -5.41
N PHE A 59 -7.01 -21.21 -6.01
CA PHE A 59 -7.22 -19.82 -5.51
C PHE A 59 -6.71 -19.56 -4.10
N ILE A 60 -5.69 -20.33 -3.75
CA ILE A 60 -4.94 -20.05 -2.54
C ILE A 60 -4.01 -18.85 -2.76
N LEU A 61 -3.38 -18.82 -3.93
CA LEU A 61 -2.50 -17.72 -4.34
C LEU A 61 -3.21 -16.91 -5.41
N GLU A 62 -3.48 -15.62 -5.14
CA GLU A 62 -4.19 -14.69 -6.05
C GLU A 62 -3.37 -13.37 -6.11
N ASN A 63 -4.00 -12.19 -6.30
CA ASN A 63 -3.23 -10.98 -6.66
C ASN A 63 -2.77 -10.01 -5.57
N ASP A 64 -3.17 -10.26 -4.33
CA ASP A 64 -2.84 -9.30 -3.28
C ASP A 64 -1.91 -10.03 -2.33
N ASP A 65 -0.64 -9.57 -2.21
CA ASP A 65 0.33 -10.37 -1.45
C ASP A 65 0.10 -10.36 0.06
N GLU A 66 -0.53 -9.30 0.59
CA GLU A 66 -0.84 -9.33 2.02
C GLU A 66 -1.89 -10.41 2.32
N ILE A 67 -2.88 -10.56 1.42
CA ILE A 67 -3.83 -11.66 1.55
C ILE A 67 -3.18 -13.02 1.32
N ASN A 68 -2.29 -13.12 0.31
CA ASN A 68 -1.59 -14.39 0.06
C ASN A 68 -0.82 -14.88 1.29
N LEU A 69 -0.16 -13.96 2.01
CA LEU A 69 0.62 -14.32 3.19
C LEU A 69 -0.32 -14.90 4.26
N LYS A 70 -1.44 -14.23 4.50
CA LYS A 70 -2.38 -14.72 5.49
C LYS A 70 -3.01 -16.07 5.06
N LYS A 71 -3.28 -16.27 3.77
CA LYS A 71 -3.86 -17.56 3.35
C LYS A 71 -2.92 -18.72 3.65
N ILE A 72 -1.61 -18.55 3.45
CA ILE A 72 -0.72 -19.65 3.78
C ILE A 72 -0.56 -19.83 5.27
N ALA A 73 -0.53 -18.73 6.01
CA ALA A 73 -0.36 -18.86 7.48
C ALA A 73 -1.52 -19.62 8.11
N TYR A 74 -2.73 -19.47 7.54
CA TYR A 74 -3.92 -20.05 8.18
C TYR A 74 -4.56 -21.26 7.47
N ILE A 75 -3.97 -21.73 6.36
CA ILE A 75 -4.54 -22.87 5.60
C ILE A 75 -4.53 -24.19 6.35
N GLU A 76 -5.52 -25.08 6.07
CA GLU A 76 -5.49 -26.44 6.57
C GLU A 76 -4.25 -27.17 6.02
N PHE A 77 -3.51 -27.82 6.92
CA PHE A 77 -2.29 -28.49 6.54
C PHE A 77 -2.51 -29.48 5.36
N SER A 78 -3.53 -30.37 5.47
CA SER A 78 -3.66 -31.41 4.44
C SER A 78 -3.97 -30.82 3.06
N LYS A 79 -4.66 -29.66 3.03
CA LYS A 79 -4.97 -29.00 1.78
C LYS A 79 -3.69 -28.46 1.09
N LEU A 80 -2.82 -27.84 1.89
CA LEU A 80 -1.58 -27.33 1.35
C LEU A 80 -0.69 -28.49 0.92
N ALA A 81 -0.66 -29.54 1.73
CA ALA A 81 0.24 -30.69 1.43
C ALA A 81 -0.17 -31.33 0.09
N GLU A 82 -1.47 -31.45 -0.16
CA GLU A 82 -1.97 -31.97 -1.44
C GLU A 82 -1.54 -31.10 -2.62
N CYS A 83 -1.66 -29.77 -2.48
CA CYS A 83 -1.24 -28.86 -3.56
C CYS A 83 0.25 -28.93 -3.88
N VAL A 84 1.08 -29.12 -2.86
CA VAL A 84 2.52 -29.09 -3.10
C VAL A 84 3.14 -30.48 -3.36
N ARG A 85 2.31 -31.51 -3.49
CA ARG A 85 2.82 -32.82 -3.82
C ARG A 85 3.88 -32.88 -4.94
N PRO A 86 3.70 -32.14 -6.06
CA PRO A 86 4.65 -32.26 -7.18
C PRO A 86 6.11 -31.93 -6.87
N SER A 87 6.36 -31.05 -5.90
CA SER A 87 7.72 -30.65 -5.54
C SER A 87 8.32 -31.46 -4.39
N GLY A 88 7.63 -32.53 -4.01
CA GLY A 88 8.17 -33.54 -3.09
C GLY A 88 8.24 -33.10 -1.64
N PHE A 89 8.55 -34.06 -0.75
CA PHE A 89 8.69 -33.73 0.66
C PHE A 89 7.57 -32.86 1.15
N TYR A 90 6.35 -33.27 0.77
CA TYR A 90 5.21 -32.35 0.82
C TYR A 90 4.66 -32.15 2.22
N ASN A 91 4.81 -33.14 3.11
CA ASN A 91 4.44 -32.91 4.51
C ASN A 91 5.43 -31.91 5.18
N GLN A 92 6.73 -32.11 4.95
CA GLN A 92 7.70 -31.18 5.59
C GLN A 92 7.51 -29.76 5.01
N LYS A 93 7.35 -29.66 3.68
CA LYS A 93 7.28 -28.33 3.04
C LYS A 93 5.99 -27.58 3.36
N ALA A 94 4.87 -28.31 3.47
CA ALA A 94 3.64 -27.65 3.91
C ALA A 94 3.82 -27.07 5.31
N LYS A 95 4.34 -27.85 6.25
CA LYS A 95 4.53 -27.31 7.59
C LYS A 95 5.54 -26.10 7.61
N ARG A 96 6.61 -26.24 6.84
CA ARG A 96 7.63 -25.18 6.80
C ARG A 96 7.02 -23.85 6.28
N LEU A 97 6.19 -23.93 5.22
CA LEU A 97 5.47 -22.72 4.70
C LEU A 97 4.48 -22.10 5.68
N ILE A 98 3.68 -22.96 6.32
CA ILE A 98 2.70 -22.48 7.30
C ILE A 98 3.37 -21.79 8.48
N ASP A 99 4.39 -22.43 9.02
CA ASP A 99 5.10 -21.85 10.16
C ASP A 99 5.86 -20.55 9.79
N LEU A 100 6.53 -20.56 8.64
CA LEU A 100 7.26 -19.37 8.19
C LEU A 100 6.26 -18.16 8.04
N SER A 101 5.13 -18.43 7.37
CA SER A 101 4.16 -17.37 7.13
C SER A 101 3.58 -16.82 8.43
N GLY A 102 3.22 -17.71 9.37
CA GLY A 102 2.75 -17.24 10.68
C GLY A 102 3.79 -16.39 11.41
N ASN A 103 5.07 -16.76 11.31
CA ASN A 103 6.09 -16.01 12.05
C ASN A 103 6.41 -14.67 11.37
N ILE A 104 6.22 -14.60 10.05
CA ILE A 104 6.39 -13.29 9.37
C ILE A 104 5.32 -12.32 9.91
N LEU A 105 4.10 -12.79 10.01
CA LEU A 105 3.02 -11.92 10.53
C LEU A 105 3.32 -11.50 11.98
N LYS A 106 3.75 -12.44 12.80
CA LYS A 106 4.05 -12.14 14.19
C LYS A 106 5.14 -11.10 14.40
N ASP A 107 6.23 -11.22 13.62
CA ASP A 107 7.44 -10.39 13.88
C ASP A 107 7.52 -9.13 13.05
N PHE A 108 6.88 -9.16 11.88
CA PHE A 108 6.96 -8.02 10.96
C PHE A 108 5.64 -7.36 10.58
N GLN A 109 4.52 -8.00 10.90
CA GLN A 109 3.16 -7.50 10.68
C GLN A 109 2.67 -7.60 9.24
N SER A 110 3.56 -7.39 8.28
CA SER A 110 3.15 -7.41 6.86
C SER A 110 4.28 -7.89 5.99
N PHE A 111 3.93 -8.38 4.80
CA PHE A 111 4.92 -8.78 3.84
C PHE A 111 5.75 -7.54 3.43
N GLU A 112 5.11 -6.37 3.30
CA GLU A 112 5.86 -5.17 2.91
C GLU A 112 6.94 -4.83 3.94
N ASN A 113 6.59 -4.84 5.23
CA ASN A 113 7.59 -4.55 6.25
C ASN A 113 8.65 -5.62 6.33
N PHE A 114 8.23 -6.88 6.16
CA PHE A 114 9.18 -8.02 6.13
C PHE A 114 10.28 -7.76 5.10
N LYS A 115 9.90 -7.33 3.89
CA LYS A 115 10.89 -7.20 2.84
C LYS A 115 11.92 -6.15 3.24
N GLN A 116 11.51 -5.13 4.01
CA GLN A 116 12.44 -4.11 4.49
C GLN A 116 13.31 -4.56 5.64
N GLU A 117 12.78 -5.32 6.61
CA GLU A 117 13.46 -5.54 7.88
C GLU A 117 14.05 -6.93 8.11
N VAL A 118 13.65 -7.92 7.29
CA VAL A 118 14.13 -9.28 7.51
C VAL A 118 15.68 -9.38 7.42
N THR A 119 16.23 -10.27 8.26
CA THR A 119 17.65 -10.61 8.20
C THR A 119 17.83 -12.08 7.85
N ARG A 120 18.99 -12.42 7.31
CA ARG A 120 19.27 -13.82 7.01
C ARG A 120 19.12 -14.72 8.28
N GLU A 121 19.60 -14.24 9.42
CA GLU A 121 19.56 -15.10 10.62
C GLU A 121 18.12 -15.34 11.09
N TRP A 122 17.25 -14.35 10.92
CA TRP A 122 15.84 -14.56 11.22
C TRP A 122 15.28 -15.73 10.34
N LEU A 123 15.61 -15.73 9.07
CA LEU A 123 15.08 -16.81 8.14
C LEU A 123 15.67 -18.21 8.52
N LEU A 124 16.96 -18.23 8.89
CA LEU A 124 17.59 -19.49 9.28
C LEU A 124 17.00 -20.05 10.58
N ASP A 125 16.41 -19.19 11.42
CA ASP A 125 15.72 -19.64 12.60
C ASP A 125 14.31 -20.20 12.36
N GLN A 126 13.89 -20.23 11.10
CA GLN A 126 12.61 -20.82 10.72
C GLN A 126 12.91 -22.30 10.34
N LYS A 127 12.33 -23.25 11.07
CA LYS A 127 12.83 -24.62 10.98
C LYS A 127 12.69 -25.21 9.58
N GLY A 128 13.80 -25.72 9.08
CA GLY A 128 13.79 -26.38 7.78
C GLY A 128 14.26 -25.48 6.65
N ILE A 129 14.41 -24.16 6.86
CA ILE A 129 14.85 -23.28 5.78
C ILE A 129 16.39 -23.31 5.75
N GLY A 130 16.97 -23.88 4.68
CA GLY A 130 18.43 -23.89 4.54
C GLY A 130 18.98 -22.55 3.98
N LYS A 131 20.30 -22.48 3.90
CA LYS A 131 20.93 -21.23 3.46
C LYS A 131 20.55 -20.82 2.03
N GLU A 132 20.49 -21.78 1.11
CA GLU A 132 20.12 -21.48 -0.28
C GLU A 132 18.74 -20.86 -0.33
N SER A 133 17.78 -21.46 0.38
CA SER A 133 16.39 -20.94 0.40
C SER A 133 16.34 -19.57 1.10
N ALA A 134 17.06 -19.42 2.23
CA ALA A 134 17.03 -18.10 2.94
C ALA A 134 17.61 -16.99 2.01
N ASP A 135 18.72 -17.31 1.37
CA ASP A 135 19.33 -16.27 0.48
C ASP A 135 18.49 -15.99 -0.76
N ALA A 136 17.81 -17.02 -1.28
CA ALA A 136 16.93 -16.80 -2.44
C ALA A 136 15.74 -15.92 -2.06
N ILE A 137 15.23 -16.08 -0.83
CA ILE A 137 14.19 -15.16 -0.36
C ILE A 137 14.77 -13.72 -0.27
N LEU A 138 15.96 -13.57 0.37
CA LEU A 138 16.54 -12.21 0.51
C LEU A 138 16.78 -11.50 -0.85
N CYS A 139 17.33 -12.23 -1.80
CA CYS A 139 17.60 -11.63 -3.13
C CYS A 139 16.33 -11.49 -3.96
N TYR A 140 15.65 -12.61 -4.25
CA TYR A 140 14.59 -12.61 -5.26
C TYR A 140 13.21 -12.22 -4.76
N ALA A 141 13.02 -12.24 -3.44
CA ALA A 141 11.78 -11.68 -2.88
C ALA A 141 11.99 -10.30 -2.28
N CYS A 142 13.13 -10.03 -1.64
CA CYS A 142 13.31 -8.75 -0.87
C CYS A 142 14.25 -7.73 -1.51
N ALA A 143 14.85 -8.08 -2.65
CA ALA A 143 15.78 -7.17 -3.32
C ALA A 143 17.00 -6.75 -2.50
N LYS A 144 17.50 -7.66 -1.65
CA LYS A 144 18.73 -7.39 -0.86
C LYS A 144 19.96 -7.76 -1.64
N GLU A 145 21.08 -7.12 -1.26
CA GLU A 145 22.38 -7.36 -1.95
C GLU A 145 23.00 -8.65 -1.44
N VAL A 146 22.44 -9.77 -1.89
CA VAL A 146 22.87 -11.12 -1.50
C VAL A 146 22.97 -11.96 -2.77
N MET A 147 24.07 -12.70 -2.96
CA MET A 147 24.15 -13.64 -4.09
C MET A 147 23.90 -15.10 -3.63
N VAL A 148 22.89 -15.77 -4.18
CA VAL A 148 22.59 -17.16 -3.85
C VAL A 148 23.68 -18.03 -4.47
N VAL A 149 24.12 -19.06 -3.71
CA VAL A 149 24.92 -20.16 -4.29
C VAL A 149 24.28 -21.50 -3.99
N ASP A 150 24.80 -22.58 -4.59
CA ASP A 150 24.06 -23.88 -4.62
C ASP A 150 25.02 -24.95 -5.20
N LYS A 151 24.55 -26.19 -5.32
CA LYS A 151 25.35 -27.28 -5.88
C LYS A 151 25.83 -26.91 -7.30
N TYR A 152 24.97 -26.26 -8.10
CA TYR A 152 25.42 -25.89 -9.45
C TYR A 152 26.65 -24.98 -9.39
N SER A 153 26.64 -24.00 -8.48
CA SER A 153 27.74 -23.01 -8.40
C SER A 153 29.00 -23.71 -7.96
N TYR A 154 28.85 -24.60 -6.97
CA TYR A 154 29.99 -25.40 -6.51
C TYR A 154 30.64 -26.17 -7.64
N LEU A 155 29.84 -26.91 -8.41
CA LEU A 155 30.34 -27.78 -9.47
C LEU A 155 30.91 -26.96 -10.59
N PHE A 156 30.26 -25.82 -10.91
CA PHE A 156 30.74 -24.86 -11.93
C PHE A 156 32.15 -24.34 -11.56
N LEU A 157 32.35 -23.92 -10.32
CA LEU A 157 33.66 -23.40 -9.90
C LEU A 157 34.70 -24.51 -9.83
N LYS A 158 34.29 -25.69 -9.37
CA LYS A 158 35.17 -26.87 -9.30
C LYS A 158 35.72 -27.21 -10.67
N LYS A 159 34.89 -27.11 -11.71
CA LYS A 159 35.34 -27.41 -13.07
C LYS A 159 36.42 -26.41 -13.52
N LEU A 160 36.33 -25.18 -13.00
CA LEU A 160 37.34 -24.14 -13.27
C LEU A 160 38.58 -24.24 -12.37
N GLY A 161 38.58 -25.18 -11.42
CA GLY A 161 39.71 -25.47 -10.57
C GLY A 161 39.75 -24.83 -9.19
N ILE A 162 38.61 -24.36 -8.72
CA ILE A 162 38.50 -23.82 -7.38
C ILE A 162 37.42 -24.62 -6.66
N GLU A 163 37.77 -25.27 -5.55
CA GLU A 163 36.79 -26.07 -4.78
C GLU A 163 36.51 -25.38 -3.46
N ILE A 164 35.27 -24.92 -3.25
CA ILE A 164 34.90 -24.29 -1.99
C ILE A 164 33.63 -24.97 -1.54
N GLU A 165 33.78 -25.90 -0.60
CA GLU A 165 32.63 -26.70 -0.20
C GLU A 165 31.71 -25.97 0.78
N ASP A 166 32.23 -24.99 1.52
CA ASP A 166 31.42 -24.33 2.53
C ASP A 166 30.53 -23.27 1.90
N TYR A 167 29.23 -23.29 2.23
CA TYR A 167 28.27 -22.36 1.56
C TYR A 167 28.72 -20.90 1.72
N ASP A 168 29.03 -20.44 2.93
CA ASP A 168 29.27 -18.99 3.13
C ASP A 168 30.56 -18.49 2.46
N GLU A 169 31.54 -19.37 2.39
CA GLU A 169 32.81 -19.04 1.71
C GLU A 169 32.67 -19.05 0.20
N LEU A 170 31.85 -19.95 -0.32
CA LEU A 170 31.51 -19.98 -1.74
C LEU A 170 30.76 -18.69 -2.13
N GLN A 171 29.77 -18.34 -1.31
CA GLN A 171 29.07 -17.08 -1.49
C GLN A 171 30.03 -15.84 -1.44
N HIS A 172 30.93 -15.81 -0.45
CA HIS A 172 31.81 -14.67 -0.33
C HIS A 172 32.75 -14.56 -1.52
N PHE A 173 33.21 -15.71 -2.04
CA PHE A 173 34.01 -15.69 -3.27
C PHE A 173 33.22 -15.01 -4.38
N PHE A 174 31.94 -15.39 -4.56
CA PHE A 174 31.15 -14.80 -5.67
C PHE A 174 30.85 -13.30 -5.43
N GLU A 175 30.53 -12.93 -4.20
CA GLU A 175 30.24 -11.51 -3.89
C GLU A 175 31.45 -10.61 -3.98
N LYS A 176 32.56 -11.04 -3.37
CA LYS A 176 33.68 -10.12 -3.24
C LYS A 176 34.32 -9.68 -4.58
N GLY A 177 34.33 -10.56 -5.58
CA GLY A 177 34.87 -10.17 -6.89
C GLY A 177 34.04 -9.04 -7.50
N VAL A 178 32.73 -9.08 -7.29
CA VAL A 178 31.86 -7.99 -7.78
C VAL A 178 32.14 -6.70 -6.94
N GLN A 179 32.15 -6.83 -5.62
CA GLN A 179 32.40 -5.66 -4.75
C GLN A 179 33.72 -4.96 -5.07
N GLU A 180 34.75 -5.75 -5.31
CA GLU A 180 36.09 -5.20 -5.59
C GLU A 180 36.17 -4.50 -6.95
N ASN A 181 35.17 -4.72 -7.80
CA ASN A 181 35.12 -4.22 -9.16
C ASN A 181 33.74 -3.58 -9.42
N LEU A 182 33.22 -2.89 -8.43
CA LEU A 182 31.83 -2.54 -8.45
C LEU A 182 31.48 -1.60 -9.62
N ASN A 183 32.29 -0.56 -9.82
CA ASN A 183 32.03 0.33 -10.93
C ASN A 183 31.97 -0.43 -12.26
N SER A 184 32.95 -1.31 -12.48
CA SER A 184 33.01 -2.09 -13.73
C SER A 184 31.84 -3.01 -13.90
N ALA A 185 31.44 -3.63 -12.78
CA ALA A 185 30.34 -4.65 -12.82
C ALA A 185 29.04 -3.90 -13.18
N LEU A 186 28.81 -2.75 -12.55
CA LEU A 186 27.58 -1.98 -12.83
C LEU A 186 27.57 -1.42 -14.26
N ALA A 187 28.78 -1.15 -14.79
CA ALA A 187 28.89 -0.64 -16.16
C ALA A 187 28.54 -1.69 -17.23
N LEU A 188 28.60 -2.99 -16.88
CA LEU A 188 28.12 -4.06 -17.78
C LEU A 188 26.65 -3.87 -18.17
N TYR A 189 25.91 -3.14 -17.32
CA TYR A 189 24.50 -2.86 -17.53
C TYR A 189 24.26 -1.38 -17.76
N GLU A 190 25.32 -0.66 -18.16
CA GLU A 190 25.24 0.77 -18.43
C GLU A 190 24.62 1.55 -17.24
N ASN A 191 24.97 1.12 -16.03
CA ASN A 191 24.52 1.75 -14.77
C ASN A 191 22.99 1.79 -14.66
N THR A 192 22.29 0.82 -15.27
CA THR A 192 20.81 0.79 -15.25
C THR A 192 20.21 -0.09 -14.20
N ILE A 193 21.03 -0.92 -13.58
CA ILE A 193 20.52 -1.82 -12.54
C ILE A 193 21.27 -1.71 -11.22
N SER A 194 20.58 -2.03 -10.12
CA SER A 194 21.19 -2.13 -8.81
C SER A 194 22.08 -3.37 -8.63
N LEU A 195 22.95 -3.29 -7.63
CA LEU A 195 23.77 -4.43 -7.26
C LEU A 195 22.92 -5.65 -6.88
N ALA A 196 21.81 -5.46 -6.15
CA ALA A 196 20.93 -6.61 -5.89
C ALA A 196 20.41 -7.30 -7.19
N GLN A 197 19.97 -6.51 -8.15
CA GLN A 197 19.49 -7.12 -9.42
C GLN A 197 20.65 -7.79 -10.16
N LEU A 198 21.84 -7.18 -10.11
CA LEU A 198 23.01 -7.82 -10.68
C LEU A 198 23.24 -9.25 -10.07
N TYR A 199 23.20 -9.37 -8.74
CA TYR A 199 23.39 -10.70 -8.12
C TYR A 199 22.24 -11.68 -8.53
N ALA A 200 21.01 -11.16 -8.66
CA ALA A 200 19.87 -11.99 -9.11
C ALA A 200 20.17 -12.61 -10.46
N ARG A 201 20.67 -11.78 -11.38
CA ARG A 201 20.96 -12.24 -12.74
C ARG A 201 22.20 -13.14 -12.76
N PHE A 202 23.23 -12.81 -11.99
CA PHE A 202 24.49 -13.59 -11.98
C PHE A 202 24.19 -15.05 -11.55
N HIS A 203 23.44 -15.23 -10.47
CA HIS A 203 23.10 -16.60 -10.04
C HIS A 203 22.28 -17.30 -11.20
N GLY A 204 21.37 -16.54 -11.84
CA GLY A 204 20.58 -17.11 -12.94
C GLY A 204 21.45 -17.62 -14.08
N KCX A 205 22.47 -16.85 -14.45
CA KCX A 205 23.41 -17.29 -15.48
CB KCX A 205 24.52 -16.22 -15.69
CG KCX A 205 23.99 -14.85 -16.18
CD KCX A 205 25.12 -13.86 -16.36
CE KCX A 205 24.64 -12.41 -16.44
NZ KCX A 205 23.81 -12.22 -17.67
C KCX A 205 24.06 -18.61 -15.13
O KCX A 205 24.23 -19.48 -16.00
CX KCX A 205 22.90 -11.25 -17.78
OQ1 KCX A 205 22.65 -10.49 -16.80
OQ2 KCX A 205 22.25 -11.17 -18.84
N ILE A 206 24.53 -18.75 -13.88
CA ILE A 206 25.17 -19.97 -13.47
C ILE A 206 24.22 -21.19 -13.57
N VAL A 207 22.97 -21.01 -13.12
CA VAL A 207 21.98 -22.08 -13.24
C VAL A 207 21.64 -22.43 -14.71
N GLU A 208 21.44 -21.41 -15.56
CA GLU A 208 21.10 -21.70 -16.97
C GLU A 208 22.23 -22.41 -17.66
N PHE A 209 23.48 -21.96 -17.39
CA PHE A 209 24.66 -22.63 -17.94
C PHE A 209 24.69 -24.10 -17.51
N SER A 210 24.41 -24.36 -16.24
CA SER A 210 24.51 -25.73 -15.69
C SER A 210 23.41 -26.69 -16.18
N LYS A 211 22.18 -26.18 -16.32
CA LYS A 211 21.04 -27.03 -16.79
C LYS A 211 21.23 -27.45 -18.22
N GLN A 212 21.75 -26.54 -19.03
CA GLN A 212 22.05 -26.87 -20.42
C GLN A 212 23.19 -27.87 -20.56
N LYS A 213 24.23 -27.69 -19.74
CA LYS A 213 25.33 -28.64 -19.75
C LYS A 213 24.76 -30.07 -19.57
N LEU A 214 23.76 -30.21 -18.69
CA LEU A 214 23.18 -31.55 -18.40
C LEU A 214 22.27 -32.11 -19.52
N GLU A 215 21.34 -31.29 -20.03
CA GLU A 215 20.44 -31.69 -21.13
C GLU A 215 21.19 -32.03 -22.44
N LEU A 216 22.28 -31.31 -22.71
CA LEU A 216 23.05 -31.53 -23.94
C LEU A 216 24.12 -32.62 -23.77
N LYS A 217 24.26 -33.13 -22.55
CA LYS A 217 25.36 -34.03 -22.13
C LYS A 217 26.77 -33.47 -22.50
N LEU A 218 27.04 -32.22 -22.09
CA LEU A 218 28.28 -31.52 -22.38
N LEU B 2 9.02 19.36 -4.78
CA LEU B 2 7.55 19.45 -5.04
C LEU B 2 6.84 20.04 -3.81
N ASP B 3 5.86 20.90 -4.04
CA ASP B 3 5.09 21.46 -2.94
C ASP B 3 3.62 21.53 -3.31
N SER B 4 2.80 21.81 -2.33
CA SER B 4 1.35 21.71 -2.59
C SER B 4 0.84 22.81 -3.52
N PHE B 5 1.57 23.91 -3.64
CA PHE B 5 1.16 24.98 -4.57
C PHE B 5 1.30 24.48 -6.02
N GLU B 6 2.38 23.78 -6.31
CA GLU B 6 2.51 23.16 -7.65
C GLU B 6 1.41 22.15 -7.92
N ILE B 7 1.05 21.36 -6.91
CA ILE B 7 -0.05 20.39 -7.05
C ILE B 7 -1.37 21.13 -7.34
N LEU B 8 -1.67 22.19 -6.58
CA LEU B 8 -2.89 22.97 -6.79
C LEU B 8 -2.95 23.50 -8.22
N LYS B 9 -1.84 24.11 -8.70
CA LYS B 9 -1.88 24.62 -10.06
C LYS B 9 -2.18 23.53 -11.10
N ALA B 10 -1.54 22.36 -10.94
CA ALA B 10 -1.71 21.23 -11.90
C ALA B 10 -3.16 20.71 -11.90
N LEU B 11 -3.72 20.52 -10.70
CA LEU B 11 -5.13 20.06 -10.59
C LEU B 11 -6.11 21.13 -11.07
N LYS B 12 -5.84 22.41 -10.82
CA LYS B 12 -6.74 23.48 -11.34
C LYS B 12 -6.82 23.49 -12.88
N SER B 13 -5.71 23.15 -13.54
CA SER B 13 -5.77 23.08 -15.01
C SER B 13 -6.56 21.88 -15.59
N LEU B 14 -6.93 20.90 -14.77
CA LEU B 14 -7.67 19.71 -15.26
C LEU B 14 -9.20 19.85 -15.20
N ASP B 15 -9.69 21.03 -14.78
CA ASP B 15 -11.16 21.32 -14.71
C ASP B 15 -12.03 20.21 -14.07
N LEU B 16 -11.53 19.73 -12.93
CA LEU B 16 -12.14 18.63 -12.20
C LEU B 16 -13.47 19.01 -11.52
N LEU B 17 -13.68 20.30 -11.30
CA LEU B 17 -14.85 20.78 -10.54
C LEU B 17 -15.85 21.45 -11.47
N LYS B 18 -15.80 21.07 -12.74
CA LYS B 18 -16.70 21.57 -13.78
C LYS B 18 -18.18 21.61 -13.34
N ASN B 19 -18.65 20.50 -12.79
CA ASN B 19 -20.06 20.44 -12.46
C ASN B 19 -20.37 20.68 -10.98
N ALA B 20 -19.39 21.23 -10.24
CA ALA B 20 -19.45 21.32 -8.79
C ALA B 20 -19.91 22.70 -8.31
N PRO B 21 -20.59 22.74 -7.16
CA PRO B 21 -20.90 24.04 -6.53
C PRO B 21 -19.65 24.75 -5.99
N ALA B 22 -19.81 25.99 -5.54
CA ALA B 22 -18.71 26.91 -5.24
C ALA B 22 -17.70 26.44 -4.22
N TRP B 23 -18.21 25.77 -3.20
CA TRP B 23 -17.36 25.18 -2.13
C TRP B 23 -17.19 23.67 -2.32
N TRP B 24 -17.54 23.18 -3.53
CA TRP B 24 -17.51 21.71 -3.88
C TRP B 24 -18.54 20.83 -3.17
N TRP B 25 -18.54 20.89 -1.84
CA TRP B 25 -19.48 20.09 -1.03
C TRP B 25 -20.86 20.71 -1.22
N PRO B 26 -21.88 19.93 -1.62
CA PRO B 26 -23.22 20.50 -1.80
C PRO B 26 -23.79 21.00 -0.46
N ASN B 27 -24.38 22.17 -0.45
CA ASN B 27 -24.95 22.73 0.77
C ASN B 27 -23.92 23.05 1.84
N ALA B 28 -22.73 23.47 1.39
CA ALA B 28 -21.68 23.94 2.29
C ALA B 28 -22.18 25.07 3.19
N LEU B 29 -21.58 25.16 4.38
CA LEU B 29 -21.82 26.24 5.33
C LEU B 29 -23.20 26.17 6.01
N LYS B 30 -23.85 25.02 5.84
CA LYS B 30 -25.16 24.71 6.44
C LYS B 30 -25.07 23.46 7.29
N PHE B 31 -26.07 23.24 8.13
CA PHE B 31 -26.09 22.08 9.04
C PHE B 31 -26.01 20.75 8.26
N GLU B 32 -26.62 20.73 7.09
CA GLU B 32 -26.56 19.55 6.21
C GLU B 32 -25.13 19.14 5.85
N ALA B 33 -24.23 20.13 5.72
CA ALA B 33 -22.81 19.81 5.47
C ALA B 33 -22.19 19.08 6.68
N LEU B 34 -22.49 19.55 7.89
CA LEU B 34 -22.05 18.82 9.11
C LEU B 34 -22.59 17.36 9.08
N LEU B 35 -23.88 17.16 8.76
CA LEU B 35 -24.43 15.81 8.72
C LEU B 35 -23.67 14.94 7.71
N GLY B 36 -23.42 15.46 6.52
CA GLY B 36 -22.72 14.72 5.49
C GLY B 36 -21.30 14.40 5.87
N ALA B 37 -20.62 15.31 6.58
CA ALA B 37 -19.25 15.07 7.02
C ALA B 37 -19.15 13.85 7.93
N VAL B 38 -20.19 13.64 8.72
CA VAL B 38 -20.27 12.43 9.54
C VAL B 38 -20.70 11.17 8.74
N LEU B 39 -21.75 11.30 7.92
CA LEU B 39 -22.36 10.14 7.24
C LEU B 39 -21.48 9.58 6.13
N THR B 40 -20.53 10.39 5.64
CA THR B 40 -19.75 9.96 4.49
C THR B 40 -18.66 8.98 4.85
N GLN B 41 -18.36 8.83 6.14
CA GLN B 41 -17.30 7.90 6.53
C GLN B 41 -17.51 6.47 5.97
N ASN B 42 -16.57 5.98 5.14
CA ASN B 42 -16.58 4.59 4.65
C ASN B 42 -17.72 4.25 3.69
N THR B 43 -18.24 5.25 2.99
CA THR B 43 -19.27 4.95 2.00
C THR B 43 -19.17 5.94 0.83
N LYS B 44 -19.93 5.71 -0.24
CA LYS B 44 -19.99 6.62 -1.40
C LYS B 44 -20.97 7.75 -1.14
N PHE B 45 -20.73 8.91 -1.77
CA PHE B 45 -21.53 10.07 -1.42
C PHE B 45 -22.96 9.89 -1.94
N GLU B 46 -23.11 9.07 -2.97
CA GLU B 46 -24.42 8.69 -3.50
C GLU B 46 -25.32 8.05 -2.43
N ALA B 47 -24.69 7.25 -1.56
CA ALA B 47 -25.38 6.64 -0.45
C ALA B 47 -25.74 7.71 0.62
N VAL B 48 -24.83 8.67 0.81
CA VAL B 48 -25.07 9.78 1.74
C VAL B 48 -26.26 10.59 1.25
N LEU B 49 -26.31 10.89 -0.05
CA LEU B 49 -27.45 11.61 -0.61
C LEU B 49 -28.76 10.89 -0.34
N LYS B 50 -28.75 9.54 -0.39
CA LYS B 50 -29.96 8.78 -0.11
C LYS B 50 -30.39 8.90 1.36
N SER B 51 -29.42 8.84 2.27
CA SER B 51 -29.71 9.08 3.69
C SER B 51 -30.24 10.46 3.89
N LEU B 52 -29.64 11.47 3.27
CA LEU B 52 -30.15 12.84 3.49
C LEU B 52 -31.57 13.00 2.94
N GLU B 53 -31.84 12.38 1.79
CA GLU B 53 -33.22 12.35 1.29
C GLU B 53 -34.20 11.67 2.24
N ASN B 54 -33.81 10.56 2.86
CA ASN B 54 -34.65 9.96 3.88
C ASN B 54 -34.94 10.92 5.03
N LEU B 55 -33.93 11.68 5.48
CA LEU B 55 -34.12 12.62 6.58
C LEU B 55 -35.04 13.77 6.20
N LYS B 56 -34.93 14.24 4.95
CA LYS B 56 -35.88 15.25 4.50
C LYS B 56 -37.34 14.77 4.38
N ASN B 57 -37.54 13.55 3.86
CA ASN B 57 -38.88 13.01 3.68
C ASN B 57 -39.52 12.71 5.03
N ALA B 58 -38.69 12.40 6.01
CA ALA B 58 -39.15 12.14 7.40
C ALA B 58 -39.40 13.40 8.27
N PHE B 59 -39.18 14.59 7.70
CA PHE B 59 -39.33 15.89 8.44
C PHE B 59 -38.26 16.13 9.48
N ILE B 60 -37.16 15.38 9.39
CA ILE B 60 -36.07 15.58 10.36
C ILE B 60 -35.16 16.75 9.91
N LEU B 61 -34.94 16.87 8.61
CA LEU B 61 -34.06 17.93 8.05
C LEU B 61 -34.92 18.84 7.20
N GLU B 62 -35.11 20.07 7.68
CA GLU B 62 -35.93 21.05 6.97
C GLU B 62 -35.13 22.34 6.78
N ASN B 63 -35.84 23.46 6.66
CA ASN B 63 -35.23 24.73 6.27
C ASN B 63 -34.45 25.56 7.32
N ASP B 64 -34.71 25.39 8.61
CA ASP B 64 -34.13 26.26 9.66
C ASP B 64 -33.07 25.46 10.43
N ASP B 65 -31.81 25.88 10.31
CA ASP B 65 -30.74 25.08 10.92
C ASP B 65 -30.73 25.00 12.43
N GLU B 66 -31.28 25.99 13.13
CA GLU B 66 -31.32 25.85 14.59
C GLU B 66 -32.34 24.79 14.99
N ILE B 67 -33.45 24.70 14.25
CA ILE B 67 -34.41 23.60 14.46
C ILE B 67 -33.83 22.22 14.02
N ASN B 68 -33.09 22.22 12.92
CA ASN B 68 -32.47 20.95 12.46
C ASN B 68 -31.53 20.39 13.53
N LEU B 69 -30.73 21.29 14.13
CA LEU B 69 -29.82 20.86 15.18
C LEU B 69 -30.55 20.23 16.35
N LYS B 70 -31.65 20.85 16.78
CA LYS B 70 -32.42 20.27 17.91
C LYS B 70 -33.10 18.95 17.53
N LYS B 71 -33.60 18.83 16.30
CA LYS B 71 -34.23 17.55 15.91
C LYS B 71 -33.27 16.38 15.92
N ILE B 72 -32.02 16.59 15.48
CA ILE B 72 -31.05 15.50 15.59
C ILE B 72 -30.67 15.22 17.05
N ALA B 73 -30.55 16.27 17.88
CA ALA B 73 -30.15 16.02 19.27
C ALA B 73 -31.22 15.21 19.99
N TYR B 74 -32.49 15.45 19.65
CA TYR B 74 -33.57 14.91 20.45
C TYR B 74 -34.41 13.76 19.87
N ILE B 75 -34.06 13.31 18.66
CA ILE B 75 -34.80 12.22 17.99
C ILE B 75 -34.53 10.84 18.63
N GLU B 76 -35.52 9.93 18.58
CA GLU B 76 -35.30 8.54 18.98
C GLU B 76 -34.26 7.86 18.09
N PHE B 77 -33.29 7.25 18.76
CA PHE B 77 -32.18 6.55 18.09
C PHE B 77 -32.65 5.61 16.97
N SER B 78 -33.64 4.73 17.26
CA SER B 78 -33.99 3.74 16.24
C SER B 78 -34.53 4.36 14.93
N LYS B 79 -35.21 5.51 15.03
CA LYS B 79 -35.72 6.19 13.85
C LYS B 79 -34.61 6.78 13.01
N LEU B 80 -33.64 7.43 13.68
CA LEU B 80 -32.52 8.00 12.98
C LEU B 80 -31.74 6.88 12.32
N ALA B 81 -31.48 5.76 13.03
CA ALA B 81 -30.73 4.66 12.43
C ALA B 81 -31.40 4.10 11.16
N GLU B 82 -32.74 3.96 11.16
CA GLU B 82 -33.44 3.50 9.93
C GLU B 82 -33.26 4.48 8.78
N CYS B 83 -33.37 5.78 9.05
CA CYS B 83 -33.19 6.75 7.97
C CYS B 83 -31.80 6.75 7.34
N VAL B 84 -30.75 6.52 8.13
CA VAL B 84 -29.40 6.58 7.59
C VAL B 84 -28.85 5.19 7.18
N ARG B 85 -29.71 4.17 7.10
CA ARG B 85 -29.28 2.83 6.60
C ARG B 85 -28.49 2.87 5.26
N PRO B 86 -28.92 3.69 4.28
CA PRO B 86 -28.21 3.70 2.99
C PRO B 86 -26.72 3.95 3.10
N SER B 87 -26.25 4.78 4.03
CA SER B 87 -24.83 5.14 4.08
C SER B 87 -24.00 4.22 5.00
N GLY B 88 -24.62 3.12 5.45
CA GLY B 88 -23.89 2.06 6.15
C GLY B 88 -23.50 2.42 7.57
N PHE B 89 -23.10 1.43 8.38
CA PHE B 89 -22.66 1.67 9.77
C PHE B 89 -23.63 2.56 10.51
N TYR B 90 -24.90 2.24 10.29
CA TYR B 90 -25.97 3.17 10.60
C TYR B 90 -26.24 3.25 12.10
N ASN B 91 -26.01 2.18 12.89
CA ASN B 91 -26.16 2.32 14.33
C ASN B 91 -25.10 3.26 14.92
N GLN B 92 -23.84 3.07 14.55
CA GLN B 92 -22.80 4.02 15.00
C GLN B 92 -23.01 5.44 14.54
N LYS B 93 -23.36 5.63 13.26
CA LYS B 93 -23.54 7.00 12.76
C LYS B 93 -24.70 7.71 13.41
N ALA B 94 -25.80 7.00 13.63
CA ALA B 94 -26.95 7.62 14.27
C ALA B 94 -26.58 8.06 15.68
N LYS B 95 -25.90 7.19 16.43
CA LYS B 95 -25.46 7.59 17.78
C LYS B 95 -24.46 8.78 17.81
N ARG B 96 -23.50 8.77 16.90
CA ARG B 96 -22.53 9.85 16.76
C ARG B 96 -23.21 11.22 16.50
N LEU B 97 -24.23 11.22 15.62
CA LEU B 97 -24.92 12.45 15.28
C LEU B 97 -25.74 12.97 16.46
N ILE B 98 -26.44 12.05 17.16
CA ILE B 98 -27.24 12.48 18.30
C ILE B 98 -26.36 13.05 19.43
N ASP B 99 -25.26 12.36 19.74
CA ASP B 99 -24.38 12.87 20.80
C ASP B 99 -23.72 14.22 20.42
N LEU B 100 -23.23 14.33 19.19
CA LEU B 100 -22.60 15.57 18.73
C LEU B 100 -23.59 16.73 18.81
N SER B 101 -24.82 16.50 18.36
CA SER B 101 -25.82 17.57 18.30
C SER B 101 -26.19 18.06 19.69
N GLY B 102 -26.39 17.12 20.60
CA GLY B 102 -26.64 17.43 22.00
C GLY B 102 -25.51 18.25 22.65
N ASN B 103 -24.28 17.88 22.34
CA ASN B 103 -23.12 18.61 22.93
C ASN B 103 -22.95 20.00 22.30
N ILE B 104 -23.26 20.16 21.02
CA ILE B 104 -23.30 21.50 20.41
C ILE B 104 -24.25 22.43 21.17
N LEU B 105 -25.45 21.94 21.43
CA LEU B 105 -26.42 22.74 22.18
C LEU B 105 -25.90 23.12 23.57
N LYS B 106 -25.30 22.14 24.27
CA LYS B 106 -24.82 22.33 25.64
C LYS B 106 -23.70 23.37 25.74
N ASP B 107 -22.78 23.32 24.78
CA ASP B 107 -21.55 24.09 24.88
C ASP B 107 -21.55 25.42 24.15
N PHE B 108 -22.34 25.52 23.08
CA PHE B 108 -22.35 26.71 22.19
C PHE B 108 -23.73 27.36 22.05
N GLN B 109 -24.78 26.63 22.44
CA GLN B 109 -26.18 27.14 22.47
C GLN B 109 -26.88 27.22 21.12
N SER B 110 -26.13 27.48 20.05
CA SER B 110 -26.71 27.54 18.73
C SER B 110 -25.72 27.08 17.70
N PHE B 111 -26.24 26.65 16.54
CA PHE B 111 -25.40 26.32 15.38
C PHE B 111 -24.60 27.54 14.92
N GLU B 112 -25.25 28.70 14.90
CA GLU B 112 -24.56 29.96 14.54
C GLU B 112 -23.32 30.26 15.41
N ASN B 113 -23.49 30.15 16.73
CA ASN B 113 -22.39 30.37 17.65
C ASN B 113 -21.31 29.26 17.52
N PHE B 114 -21.74 28.01 17.36
CA PHE B 114 -20.84 26.89 17.08
C PHE B 114 -19.93 27.23 15.90
N LYS B 115 -20.49 27.71 14.80
CA LYS B 115 -19.65 27.92 13.63
C LYS B 115 -18.52 28.92 13.90
N GLN B 116 -18.79 29.91 14.77
CA GLN B 116 -17.81 30.94 15.15
C GLN B 116 -16.81 30.41 16.17
N GLU B 117 -17.29 29.64 17.15
CA GLU B 117 -16.45 29.33 18.32
C GLU B 117 -15.80 27.93 18.36
N VAL B 118 -16.26 27.01 17.53
CA VAL B 118 -15.76 25.65 17.63
C VAL B 118 -14.28 25.55 17.29
N THR B 119 -13.62 24.62 17.94
CA THR B 119 -12.22 24.30 17.66
C THR B 119 -12.09 22.83 17.28
N ARG B 120 -10.96 22.49 16.65
CA ARG B 120 -10.73 21.11 16.26
C ARG B 120 -10.71 20.19 17.48
N GLU B 121 -10.13 20.68 18.60
CA GLU B 121 -10.03 19.83 19.79
C GLU B 121 -11.37 19.52 20.40
N TRP B 122 -12.28 20.48 20.39
CA TRP B 122 -13.64 20.21 20.87
C TRP B 122 -14.26 19.07 20.01
N LEU B 123 -14.12 19.12 18.70
CA LEU B 123 -14.72 18.09 17.79
C LEU B 123 -14.06 16.72 18.01
N LEU B 124 -12.74 16.68 18.23
CA LEU B 124 -12.05 15.40 18.48
C LEU B 124 -12.44 14.77 19.81
N ASP B 125 -12.95 15.56 20.73
CA ASP B 125 -13.47 15.05 21.99
C ASP B 125 -14.89 14.45 21.88
N GLN B 126 -15.49 14.52 20.69
CA GLN B 126 -16.82 13.93 20.46
C GLN B 126 -16.65 12.50 20.01
N LYS B 127 -17.33 11.59 20.69
CA LYS B 127 -17.08 10.16 20.41
C LYS B 127 -17.41 9.75 18.99
N GLY B 128 -16.43 9.15 18.34
CA GLY B 128 -16.60 8.64 17.00
C GLY B 128 -16.21 9.64 15.94
N ILE B 129 -15.84 10.88 16.29
CA ILE B 129 -15.47 11.87 15.26
C ILE B 129 -13.93 11.89 15.13
N GLY B 130 -13.43 11.40 14.00
CA GLY B 130 -11.99 11.34 13.75
C GLY B 130 -11.49 12.66 13.12
N LYS B 131 -10.20 12.69 12.79
CA LYS B 131 -9.59 13.91 12.23
C LYS B 131 -10.21 14.29 10.90
N GLU B 132 -10.48 13.31 10.03
CA GLU B 132 -11.01 13.65 8.72
C GLU B 132 -12.42 14.28 8.85
N SER B 133 -13.30 13.69 9.67
CA SER B 133 -14.65 14.27 9.80
C SER B 133 -14.59 15.60 10.57
N ALA B 134 -13.74 15.70 11.62
CA ALA B 134 -13.61 17.00 12.33
C ALA B 134 -13.20 18.10 11.37
N ASP B 135 -12.22 17.82 10.52
CA ASP B 135 -11.71 18.87 9.62
C ASP B 135 -12.72 19.19 8.53
N ALA B 136 -13.47 18.17 8.07
CA ALA B 136 -14.52 18.43 7.07
C ALA B 136 -15.60 19.33 7.68
N ILE B 137 -15.96 19.09 8.96
CA ILE B 137 -16.87 20.00 9.60
C ILE B 137 -16.27 21.45 9.70
N LEU B 138 -15.02 21.58 10.17
CA LEU B 138 -14.41 22.92 10.22
C LEU B 138 -14.38 23.68 8.90
N CYS B 139 -13.98 22.98 7.82
CA CYS B 139 -13.85 23.64 6.53
C CYS B 139 -15.23 23.84 5.87
N TYR B 140 -15.98 22.74 5.69
CA TYR B 140 -17.18 22.80 4.82
C TYR B 140 -18.46 23.21 5.56
N ALA B 141 -18.51 23.11 6.90
CA ALA B 141 -19.64 23.65 7.62
C ALA B 141 -19.31 25.00 8.30
N CYS B 142 -18.05 25.25 8.73
CA CYS B 142 -17.70 26.44 9.55
C CYS B 142 -16.82 27.51 8.86
N ALA B 143 -16.39 27.23 7.61
CA ALA B 143 -15.57 28.15 6.82
C ALA B 143 -14.25 28.50 7.51
N LYS B 144 -13.65 27.55 8.22
CA LYS B 144 -12.33 27.72 8.79
C LYS B 144 -11.24 27.38 7.81
N GLU B 145 -10.06 27.98 8.02
CA GLU B 145 -8.92 27.78 7.14
C GLU B 145 -8.21 26.47 7.52
N VAL B 146 -8.80 25.35 7.09
CA VAL B 146 -8.37 23.99 7.38
C VAL B 146 -8.49 23.20 6.10
N MET B 147 -7.43 22.49 5.71
CA MET B 147 -7.51 21.60 4.54
C MET B 147 -7.73 20.15 4.98
N VAL B 148 -8.84 19.54 4.56
CA VAL B 148 -9.11 18.13 4.84
C VAL B 148 -8.12 17.22 4.06
N VAL B 149 -7.59 16.18 4.73
CA VAL B 149 -6.88 15.11 4.02
C VAL B 149 -7.50 13.73 4.34
N ASP B 150 -7.08 12.71 3.62
CA ASP B 150 -7.76 11.38 3.64
C ASP B 150 -6.92 10.34 2.90
N LYS B 151 -7.43 9.11 2.82
CA LYS B 151 -6.69 8.04 2.11
C LYS B 151 -6.44 8.42 0.63
N TYR B 152 -7.41 9.07 -0.02
CA TYR B 152 -7.15 9.52 -1.40
C TYR B 152 -5.92 10.44 -1.49
N SER B 153 -5.79 11.39 -0.54
CA SER B 153 -4.69 12.37 -0.54
C SER B 153 -3.37 11.66 -0.34
N TYR B 154 -3.35 10.69 0.56
CA TYR B 154 -2.17 9.88 0.84
C TYR B 154 -1.70 9.15 -0.42
N LEU B 155 -2.64 8.48 -1.08
CA LEU B 155 -2.31 7.73 -2.28
C LEU B 155 -1.88 8.63 -3.44
N PHE B 156 -2.56 9.77 -3.60
CA PHE B 156 -2.21 10.78 -4.59
C PHE B 156 -0.77 11.23 -4.44
N LEU B 157 -0.38 11.59 -3.21
CA LEU B 157 0.98 12.09 -2.92
C LEU B 157 2.03 10.97 -3.06
N LYS B 158 1.63 9.75 -2.71
CA LYS B 158 2.51 8.58 -2.84
C LYS B 158 2.85 8.32 -4.31
N LYS B 159 1.86 8.42 -5.18
CA LYS B 159 2.09 8.30 -6.61
C LYS B 159 3.16 9.32 -7.10
N LEU B 160 3.23 10.48 -6.46
CA LEU B 160 4.18 11.51 -6.83
C LEU B 160 5.51 11.42 -6.07
N GLY B 161 5.69 10.37 -5.27
CA GLY B 161 6.98 10.11 -4.65
C GLY B 161 7.17 10.55 -3.21
N ILE B 162 6.10 11.03 -2.56
CA ILE B 162 6.18 11.49 -1.19
C ILE B 162 5.26 10.64 -0.36
N GLU B 163 5.79 9.96 0.66
CA GLU B 163 4.98 9.15 1.57
C GLU B 163 4.82 9.81 2.94
N ILE B 164 3.58 10.22 3.23
CA ILE B 164 3.23 10.77 4.54
C ILE B 164 1.98 10.08 5.08
N GLU B 165 2.19 9.05 5.90
CA GLU B 165 1.06 8.28 6.43
C GLU B 165 0.31 8.98 7.58
N ASP B 166 0.97 9.83 8.36
CA ASP B 166 0.33 10.44 9.52
C ASP B 166 -0.59 11.58 9.05
N TYR B 167 -1.83 11.58 9.50
CA TYR B 167 -2.80 12.63 9.12
C TYR B 167 -2.26 14.07 9.31
N ASP B 168 -1.79 14.43 10.51
CA ASP B 168 -1.41 15.82 10.75
C ASP B 168 -0.22 16.28 9.92
N GLU B 169 0.73 15.37 9.71
CA GLU B 169 1.85 15.70 8.81
C GLU B 169 1.39 15.88 7.35
N LEU B 170 0.48 15.01 6.87
CA LEU B 170 -0.05 15.05 5.52
C LEU B 170 -0.82 16.36 5.31
N GLN B 171 -1.64 16.69 6.29
CA GLN B 171 -2.33 17.98 6.26
C GLN B 171 -1.35 19.16 6.24
N HIS B 172 -0.33 19.10 7.09
CA HIS B 172 0.61 20.21 7.14
C HIS B 172 1.30 20.40 5.76
N PHE B 173 1.64 19.30 5.08
CA PHE B 173 2.27 19.39 3.75
C PHE B 173 1.35 20.14 2.81
N PHE B 174 0.07 19.80 2.80
CA PHE B 174 -0.87 20.49 1.89
C PHE B 174 -1.09 21.99 2.27
N GLU B 175 -1.19 22.30 3.57
CA GLU B 175 -1.36 23.70 4.00
C GLU B 175 -0.06 24.53 3.79
N LYS B 176 1.09 23.92 4.00
CA LYS B 176 2.38 24.65 3.94
C LYS B 176 2.63 25.30 2.57
N GLY B 177 2.40 24.54 1.49
CA GLY B 177 2.69 25.07 0.16
C GLY B 177 1.76 26.21 -0.19
N VAL B 178 0.52 26.14 0.26
CA VAL B 178 -0.41 27.24 0.00
C VAL B 178 0.00 28.48 0.85
N GLN B 179 0.28 28.28 2.14
CA GLN B 179 0.65 29.40 3.02
C GLN B 179 1.90 30.14 2.53
N GLU B 180 2.90 29.38 2.10
CA GLU B 180 4.16 29.95 1.62
C GLU B 180 4.07 30.61 0.23
N ASN B 181 2.93 30.42 -0.45
CA ASN B 181 2.65 31.03 -1.75
C ASN B 181 1.28 31.67 -1.77
N LEU B 182 0.91 32.26 -0.63
CA LEU B 182 -0.50 32.61 -0.41
C LEU B 182 -1.04 33.64 -1.44
N ASN B 183 -0.29 34.71 -1.71
CA ASN B 183 -0.84 35.70 -2.60
C ASN B 183 -1.01 35.09 -4.00
N SER B 184 -0.06 34.28 -4.44
CA SER B 184 -0.21 33.64 -5.79
C SER B 184 -1.34 32.63 -5.81
N ALA B 185 -1.50 31.86 -4.72
CA ALA B 185 -2.61 30.88 -4.70
C ALA B 185 -3.96 31.63 -4.80
N LEU B 186 -4.11 32.73 -4.05
CA LEU B 186 -5.37 33.45 -4.10
C LEU B 186 -5.57 34.11 -5.47
N ALA B 187 -4.45 34.50 -6.12
CA ALA B 187 -4.53 35.08 -7.45
C ALA B 187 -4.99 34.07 -8.53
N LEU B 188 -4.90 32.75 -8.25
CA LEU B 188 -5.47 31.77 -9.17
C LEU B 188 -6.97 31.96 -9.40
N TYR B 189 -7.63 32.57 -8.43
CA TYR B 189 -9.08 32.80 -8.48
C TYR B 189 -9.35 34.28 -8.59
N GLU B 190 -8.33 35.03 -9.02
CA GLU B 190 -8.42 36.50 -9.20
C GLU B 190 -8.85 37.23 -7.91
N ASN B 191 -8.40 36.71 -6.76
CA ASN B 191 -8.70 37.29 -5.44
C ASN B 191 -10.20 37.34 -5.08
N THR B 192 -10.99 36.46 -5.71
CA THR B 192 -12.43 36.41 -5.44
C THR B 192 -12.85 35.48 -4.33
N ILE B 193 -11.96 34.59 -3.87
CA ILE B 193 -12.33 33.65 -2.81
C ILE B 193 -11.39 33.71 -1.61
N SER B 194 -11.89 33.34 -0.45
CA SER B 194 -11.10 33.26 0.77
C SER B 194 -10.19 32.05 0.78
N LEU B 195 -9.20 32.08 1.66
CA LEU B 195 -8.35 30.92 1.83
C LEU B 195 -9.18 29.68 2.29
N ALA B 196 -10.19 29.87 3.13
CA ALA B 196 -11.02 28.70 3.50
C ALA B 196 -11.71 28.02 2.28
N GLN B 197 -12.25 28.84 1.39
CA GLN B 197 -12.89 28.30 0.19
C GLN B 197 -11.89 27.66 -0.75
N LEU B 198 -10.65 28.21 -0.78
CA LEU B 198 -9.62 27.61 -1.59
C LEU B 198 -9.31 26.19 -1.06
N TYR B 199 -9.18 26.04 0.26
CA TYR B 199 -8.96 24.68 0.79
C TYR B 199 -10.14 23.72 0.51
N ALA B 200 -11.37 24.25 0.56
CA ALA B 200 -12.54 23.43 0.27
C ALA B 200 -12.45 22.86 -1.16
N ARG B 201 -12.11 23.74 -2.10
CA ARG B 201 -12.00 23.33 -3.50
C ARG B 201 -10.78 22.41 -3.74
N PHE B 202 -9.65 22.69 -3.09
CA PHE B 202 -8.42 21.93 -3.27
C PHE B 202 -8.69 20.46 -2.87
N HIS B 203 -9.29 20.23 -1.69
CA HIS B 203 -9.65 18.85 -1.30
C HIS B 203 -10.62 18.18 -2.31
N GLY B 204 -11.59 18.93 -2.78
CA GLY B 204 -12.51 18.47 -3.83
C GLY B 204 -11.80 17.97 -5.08
N KCX B 205 -10.80 18.73 -5.55
CA KCX B 205 -10.02 18.33 -6.70
CB KCX B 205 -8.98 19.41 -7.10
CG KCX B 205 -9.60 20.71 -7.51
CD KCX B 205 -8.48 21.73 -7.79
CE KCX B 205 -9.00 23.21 -7.83
NZ KCX B 205 -9.97 23.38 -8.91
C KCX B 205 -9.36 16.98 -6.49
O KCX B 205 -9.36 16.13 -7.41
CX KCX B 205 -10.83 24.42 -8.89
OQ1 KCX B 205 -10.80 25.25 -7.94
OQ2 KCX B 205 -11.65 24.54 -9.81
N ILE B 206 -8.77 16.77 -5.32
CA ILE B 206 -8.10 15.50 -5.04
C ILE B 206 -9.12 14.37 -5.04
N VAL B 207 -10.29 14.59 -4.44
CA VAL B 207 -11.31 13.53 -4.46
C VAL B 207 -11.81 13.21 -5.89
N GLU B 208 -12.11 14.26 -6.67
CA GLU B 208 -12.66 14.05 -8.02
C GLU B 208 -11.62 13.36 -8.90
N PHE B 209 -10.35 13.77 -8.77
CA PHE B 209 -9.27 13.14 -9.49
C PHE B 209 -9.24 11.64 -9.16
N SER B 210 -9.33 11.35 -7.87
CA SER B 210 -9.24 9.94 -7.43
C SER B 210 -10.42 9.10 -7.92
N LYS B 211 -11.63 9.65 -7.90
CA LYS B 211 -12.82 8.90 -8.35
C LYS B 211 -12.74 8.61 -9.83
N GLN B 212 -12.25 9.57 -10.60
CA GLN B 212 -12.15 9.40 -12.05
C GLN B 212 -11.10 8.33 -12.33
N LYS B 213 -10.03 8.33 -11.53
CA LYS B 213 -8.96 7.34 -11.68
C LYS B 213 -9.49 5.91 -11.50
N LEU B 214 -10.43 5.72 -10.58
CA LEU B 214 -11.04 4.42 -10.37
C LEU B 214 -12.04 4.03 -11.49
N GLU B 215 -12.83 4.99 -11.96
CA GLU B 215 -13.86 4.76 -13.01
C GLU B 215 -13.17 4.30 -14.30
N LEU B 216 -12.02 4.90 -14.56
CA LEU B 216 -11.29 4.71 -15.82
C LEU B 216 -10.37 3.49 -15.75
N LYS B 217 -10.33 2.90 -14.54
CA LYS B 217 -9.45 1.78 -14.22
C LYS B 217 -7.99 2.09 -14.62
N LEU B 218 -7.48 3.26 -14.22
CA LEU B 218 -6.10 3.66 -14.58
C LEU B 218 -5.06 2.96 -13.69
CL CL C . 13.50 -30.27 2.18
C1 BME D . 14.58 -20.89 -9.60
C2 BME D . 15.72 -21.91 -9.61
O1 BME D . 14.23 -20.47 -10.92
S2 BME D . 15.78 -22.84 -8.05
C1 MPD E . -0.04 11.30 -11.47
C2 MPD E . -0.06 12.52 -12.40
O2 MPD E . -0.89 12.15 -13.54
CM MPD E . 1.37 12.81 -12.86
C3 MPD E . -0.61 13.74 -11.63
C4 MPD E . -1.42 14.86 -12.34
O4 MPD E . -0.96 16.13 -11.88
C5 MPD E . -1.45 14.89 -13.86
C1 MPD F . -7.53 13.83 -15.99
C2 MPD F . -8.76 12.93 -15.88
O2 MPD F . -9.34 12.80 -17.23
CM MPD F . -9.79 13.65 -15.03
C3 MPD F . -8.52 11.51 -15.37
C4 MPD F . -7.60 11.12 -14.21
O4 MPD F . -6.24 11.49 -14.44
C5 MPD F . -8.13 11.57 -12.86
#